data_7CYW
#
_entry.id   7CYW
#
_cell.length_a   53.565
_cell.length_b   76.010
_cell.length_c   93.194
_cell.angle_alpha   90.000
_cell.angle_beta   90.000
_cell.angle_gamma   90.000
#
_symmetry.space_group_name_H-M   'P 21 21 21'
#
loop_
_entity.id
_entity.type
_entity.pdbx_description
1 polymer 'UDP-glycosyltransferase 708C1'
2 non-polymer 'ACETATE ION'
3 non-polymer "5-bromouridine 5'-(tetrahydrogen triphosphate)"
4 water water
#
_entity_poly.entity_id   1
_entity_poly.type   'polypeptide(L)'
_entity_poly.pdbx_seq_one_letter_code
;MGNDQPHVVVCSGAGMGHLTPFLNLASALSSAPYNCKVTLLIVIPLITDAESHHISSFFSSHPTIHRLDFHVNLPAPKPN
VDPFFLRYKSISDSAHRLPVHLSALSPPISAVFSDFLFTQGLNTTLPHLPNYTFTTTSARFFTLMSYVPHLAKSSSSSPV
EIPGLEPFPTDNIPPPFFNPEHIFTSFTISNAKYFSLSKGILVNTFDSFEPETLSALNSGDTLSDLPPVIPIGPLNELEH
NKQEELLPWLDQQPEKSVLYVSFGNRTAMSSDQILELGMGLERSDCRFIWVVKTSKIDKDDKSELRKLFGEELYLKLSEK
GKLVKWVNQTEILGHTAVGGFLSHCGWNSVMEAARRGVPILAWPQHGDQRENAWVVEKAGLGVWEREWASGIQAAIVEKV
KMIMGNNDLRKSAMKVGEEAKRACDVGGSSATALMNIIGSLKR
;
_entity_poly.pdbx_strand_id   A
#
loop_
_chem_comp.id
_chem_comp.type
_chem_comp.name
_chem_comp.formula
ACT non-polymer 'ACETATE ION' 'C2 H3 O2 -1'
BUP non-polymer '5-bromouridine 5'-(tetrahydrogen triphosphate)' 'C9 H14 Br N2 O15 P3'
#
# COMPACT_ATOMS: atom_id res chain seq x y z
N GLN A 5 19.92 18.61 9.17
CA GLN A 5 19.99 19.90 8.40
C GLN A 5 19.15 20.00 7.10
N PRO A 6 19.12 18.95 6.25
CA PRO A 6 18.30 19.08 5.02
C PRO A 6 16.81 19.18 5.30
N HIS A 7 16.14 20.17 4.70
CA HIS A 7 14.70 20.34 4.87
C HIS A 7 13.99 19.67 3.71
N VAL A 8 13.21 18.64 4.01
CA VAL A 8 12.48 17.91 3.00
C VAL A 8 10.99 17.98 3.27
N VAL A 9 10.21 17.97 2.19
CA VAL A 9 8.78 18.00 2.25
C VAL A 9 8.28 16.66 1.73
N VAL A 10 7.46 16.00 2.56
CA VAL A 10 6.80 14.76 2.18
C VAL A 10 5.40 15.16 1.84
N CYS A 11 4.99 14.92 0.59
CA CYS A 11 3.66 15.33 0.11
C CYS A 11 2.73 14.15 -0.03
N SER A 12 1.86 13.98 0.95
CA SER A 12 0.90 12.90 0.97
C SER A 12 -0.33 13.25 0.15
N GLY A 13 -1.20 12.25 -0.07
CA GLY A 13 -2.37 12.40 -0.94
C GLY A 13 -3.68 12.19 -0.21
N ALA A 14 -4.45 11.20 -0.60
CA ALA A 14 -5.74 10.94 0.02
C ALA A 14 -5.94 9.45 0.28
N GLY A 15 -6.49 9.12 1.44
CA GLY A 15 -6.86 7.74 1.81
C GLY A 15 -5.69 7.02 2.46
N MET A 16 -6.01 6.11 3.39
CA MET A 16 -5.00 5.43 4.23
C MET A 16 -3.88 4.71 3.49
N GLY A 17 -4.22 4.08 2.38
CA GLY A 17 -3.24 3.37 1.56
C GLY A 17 -2.17 4.30 1.00
N HIS A 18 -2.54 5.56 0.86
CA HIS A 18 -1.56 6.56 0.49
C HIS A 18 -0.95 7.16 1.73
N LEU A 19 -1.75 7.45 2.75
CA LEU A 19 -1.25 8.17 3.92
C LEU A 19 -0.17 7.43 4.71
N THR A 20 -0.48 6.20 5.11
CA THR A 20 0.42 5.41 5.95
C THR A 20 1.88 5.42 5.50
N PRO A 21 2.19 5.05 4.25
CA PRO A 21 3.61 5.03 3.85
C PRO A 21 4.27 6.43 3.89
N PHE A 22 3.50 7.47 3.62
CA PHE A 22 4.02 8.85 3.76
C PHE A 22 4.32 9.22 5.21
N LEU A 23 3.44 8.83 6.13
CA LEU A 23 3.70 8.98 7.57
C LEU A 23 4.94 8.22 8.00
N ASN A 24 5.05 6.98 7.53
CA ASN A 24 6.21 6.16 7.82
C ASN A 24 7.48 6.75 7.25
N LEU A 25 7.42 7.28 6.02
CA LEU A 25 8.60 7.91 5.43
C LEU A 25 9.03 9.17 6.21
N ALA A 26 8.06 10.03 6.47
CA ALA A 26 8.27 11.27 7.20
C ALA A 26 8.95 10.98 8.53
N SER A 27 8.46 9.95 9.23
CA SER A 27 9.01 9.56 10.53
C SER A 27 10.43 9.02 10.42
N ALA A 28 10.67 8.16 9.43
CA ALA A 28 12.00 7.58 9.21
C ALA A 28 13.03 8.67 8.88
N LEU A 29 12.65 9.64 8.06
CA LEU A 29 13.55 10.74 7.70
C LEU A 29 13.86 11.70 8.86
N SER A 30 12.86 11.96 9.71
CA SER A 30 13.01 12.83 10.89
C SER A 30 14.04 12.34 11.92
N SER A 31 14.17 11.02 12.04
CA SER A 31 15.01 10.36 13.03
C SER A 31 16.37 9.97 12.49
N ALA A 32 17.25 9.53 13.39
CA ALA A 32 18.54 8.95 13.01
C ALA A 32 18.29 7.64 12.27
N PRO A 33 19.16 7.23 11.33
CA PRO A 33 20.44 7.90 11.00
C PRO A 33 20.36 8.91 9.84
N TYR A 34 19.15 9.27 9.42
CA TYR A 34 18.95 10.20 8.29
C TYR A 34 18.98 11.63 8.81
N ASN A 35 18.29 11.86 9.93
CA ASN A 35 18.33 13.15 10.65
C ASN A 35 18.02 14.32 9.72
N CYS A 36 16.83 14.30 9.12
CA CYS A 36 16.37 15.41 8.28
C CYS A 36 15.41 16.28 9.05
N LYS A 37 15.36 17.54 8.63
CA LYS A 37 14.27 18.42 8.94
C LYS A 37 13.10 18.08 8.00
N VAL A 38 11.97 17.65 8.56
CA VAL A 38 10.82 17.15 7.75
C VAL A 38 9.58 18.01 7.92
N THR A 39 8.99 18.39 6.79
CA THR A 39 7.65 18.93 6.74
C THR A 39 6.74 17.95 6.00
N LEU A 40 5.57 17.69 6.59
CA LEU A 40 4.62 16.74 6.05
C LEU A 40 3.38 17.47 5.54
N LEU A 41 3.24 17.51 4.23
CA LEU A 41 2.07 18.12 3.60
C LEU A 41 0.87 17.19 3.63
N ILE A 42 -0.28 17.73 4.01
CA ILE A 42 -1.54 17.04 4.12
C ILE A 42 -2.56 17.74 3.25
N VAL A 43 -3.27 16.98 2.42
CA VAL A 43 -4.33 17.53 1.59
C VAL A 43 -5.59 17.61 2.42
N ILE A 44 -6.14 18.81 2.56
CA ILE A 44 -7.41 19.00 3.28
C ILE A 44 -8.53 19.52 2.36
N PRO A 45 -9.80 19.20 2.68
CA PRO A 45 -10.15 18.32 3.80
C PRO A 45 -9.90 16.86 3.45
N LEU A 46 -9.76 16.06 4.50
CA LEU A 46 -9.50 14.65 4.40
C LEU A 46 -10.76 13.94 3.93
N ILE A 47 -10.58 12.84 3.19
CA ILE A 47 -11.71 12.18 2.53
C ILE A 47 -12.65 11.47 3.54
N THR A 48 -12.09 11.03 4.67
CA THR A 48 -12.88 10.45 5.77
C THR A 48 -12.50 11.03 7.13
N ASP A 49 -13.45 10.97 8.06
CA ASP A 49 -13.26 11.42 9.46
C ASP A 49 -12.18 10.65 10.23
N ALA A 50 -11.99 9.38 9.87
CA ALA A 50 -11.00 8.50 10.49
C ALA A 50 -9.55 8.98 10.32
N GLU A 51 -9.22 9.43 9.11
CA GLU A 51 -7.87 9.91 8.81
C GLU A 51 -7.45 11.10 9.67
N SER A 52 -8.41 11.96 9.99
CA SER A 52 -8.17 13.15 10.83
C SER A 52 -7.63 12.77 12.19
N HIS A 53 -8.28 11.76 12.80
CA HIS A 53 -7.83 11.12 14.04
C HIS A 53 -6.36 10.68 13.94
N HIS A 54 -6.02 9.88 12.91
CA HIS A 54 -4.66 9.31 12.74
C HIS A 54 -3.58 10.36 12.48
N ILE A 55 -3.90 11.36 11.66
CA ILE A 55 -2.93 12.41 11.30
C ILE A 55 -2.59 13.28 12.52
N SER A 56 -3.62 13.67 13.25
CA SER A 56 -3.45 14.42 14.51
C SER A 56 -2.57 13.68 15.51
N SER A 57 -2.87 12.39 15.72
CA SER A 57 -2.04 11.52 16.57
C SER A 57 -0.56 11.50 16.15
N PHE A 58 -0.32 11.45 14.84
CA PHE A 58 1.04 11.39 14.31
C PHE A 58 1.87 12.63 14.63
N PHE A 59 1.32 13.81 14.39
CA PHE A 59 2.06 15.07 14.63
C PHE A 59 2.35 15.30 16.13
N SER A 60 1.44 14.86 16.99
CA SER A 60 1.67 14.86 18.45
C SER A 60 2.86 14.00 18.86
N SER A 61 2.92 12.80 18.29
CA SER A 61 4.02 11.87 18.58
C SER A 61 5.34 12.19 17.83
N HIS A 62 5.28 13.13 16.87
CA HIS A 62 6.45 13.61 16.13
C HIS A 62 6.47 15.14 16.09
N PRO A 63 6.66 15.78 17.27
CA PRO A 63 6.65 17.25 17.33
C PRO A 63 7.70 17.95 16.47
N THR A 64 8.79 17.26 16.11
CA THR A 64 9.81 17.87 15.25
C THR A 64 9.43 17.87 13.75
N ILE A 65 8.33 17.19 13.38
CA ILE A 65 7.80 17.21 12.01
C ILE A 65 6.70 18.24 11.90
N HIS A 66 6.87 19.22 11.03
CA HIS A 66 5.85 20.25 10.84
C HIS A 66 4.76 19.85 9.87
N ARG A 67 3.51 20.08 10.27
CA ARG A 67 2.35 19.91 9.43
C ARG A 67 2.21 21.10 8.49
N LEU A 68 1.88 20.80 7.23
CA LEU A 68 1.53 21.80 6.24
C LEU A 68 0.26 21.37 5.54
N ASP A 69 -0.83 22.10 5.77
CA ASP A 69 -2.07 21.81 5.07
C ASP A 69 -2.03 22.37 3.65
N PHE A 70 -2.79 21.73 2.77
CA PHE A 70 -2.90 22.09 1.38
C PHE A 70 -4.33 21.87 0.97
N HIS A 71 -5.08 22.97 0.88
CA HIS A 71 -6.51 22.88 0.63
C HIS A 71 -6.79 22.66 -0.83
N VAL A 72 -7.63 21.67 -1.08
CA VAL A 72 -8.14 21.37 -2.40
C VAL A 72 -9.64 21.13 -2.21
N ASN A 73 -10.48 21.85 -2.95
CA ASN A 73 -11.95 21.69 -2.85
C ASN A 73 -12.40 20.31 -3.27
N LEU A 74 -13.41 19.79 -2.58
CA LEU A 74 -14.00 18.52 -2.96
C LEU A 74 -14.66 18.71 -4.29
N PRO A 75 -14.46 17.78 -5.23
CA PRO A 75 -15.24 17.90 -6.45
C PRO A 75 -16.69 17.49 -6.20
N ALA A 76 -17.60 17.99 -7.04
CA ALA A 76 -19.00 17.64 -6.96
C ALA A 76 -19.21 16.18 -7.39
N PRO A 77 -19.99 15.40 -6.61
CA PRO A 77 -20.25 14.01 -7.00
C PRO A 77 -20.90 13.85 -8.37
N LYS A 78 -20.83 12.63 -8.89
CA LYS A 78 -21.40 12.30 -10.18
C LYS A 78 -22.08 10.93 -10.10
N PRO A 79 -23.06 10.66 -10.98
CA PRO A 79 -23.70 9.34 -10.96
C PRO A 79 -22.72 8.19 -11.21
N ASN A 80 -21.86 8.39 -12.19
CA ASN A 80 -20.98 7.35 -12.70
C ASN A 80 -19.66 7.19 -11.98
N VAL A 81 -19.11 8.31 -11.54
CA VAL A 81 -17.72 8.36 -11.11
C VAL A 81 -17.56 7.94 -9.65
N ASP A 82 -16.55 7.12 -9.39
CA ASP A 82 -16.15 6.72 -8.04
C ASP A 82 -15.69 7.95 -7.22
N PRO A 83 -16.12 8.07 -5.94
CA PRO A 83 -15.76 9.25 -5.13
C PRO A 83 -14.27 9.39 -4.80
N PHE A 84 -13.57 8.27 -4.63
CA PHE A 84 -12.12 8.30 -4.44
C PHE A 84 -11.38 8.77 -5.70
N PHE A 85 -11.87 8.34 -6.85
CA PHE A 85 -11.30 8.72 -8.15
C PHE A 85 -11.50 10.20 -8.43
N LEU A 86 -12.68 10.71 -8.08
CA LEU A 86 -12.93 12.16 -8.14
C LEU A 86 -11.98 12.95 -7.28
N ARG A 87 -11.72 12.47 -6.05
CA ARG A 87 -10.83 13.17 -5.15
C ARG A 87 -9.38 13.16 -5.63
N TYR A 88 -8.91 12.00 -6.10
CA TYR A 88 -7.56 11.90 -6.69
C TYR A 88 -7.40 12.87 -7.88
N LYS A 89 -8.39 12.91 -8.76
CA LYS A 89 -8.40 13.87 -9.88
C LYS A 89 -8.21 15.29 -9.36
N SER A 90 -8.93 15.64 -8.30
CA SER A 90 -8.86 16.99 -7.76
C SER A 90 -7.50 17.34 -7.18
N ILE A 91 -6.87 16.35 -6.55
CA ILE A 91 -5.49 16.50 -6.04
C ILE A 91 -4.50 16.64 -7.21
N SER A 92 -4.66 15.81 -8.23
CA SER A 92 -3.80 15.84 -9.43
C SER A 92 -3.91 17.19 -10.12
N ASP A 93 -5.16 17.62 -10.29
CA ASP A 93 -5.47 18.93 -10.86
C ASP A 93 -4.91 20.11 -10.06
N SER A 94 -4.76 19.95 -8.75
CA SER A 94 -4.26 20.99 -7.87
C SER A 94 -2.74 21.15 -7.84
N ALA A 95 -2.03 20.19 -8.40
CA ALA A 95 -0.60 19.98 -8.07
C ALA A 95 0.31 21.13 -8.48
N HIS A 96 -0.07 21.80 -9.55
CA HIS A 96 0.63 22.96 -10.08
C HIS A 96 0.78 24.09 -9.06
N ARG A 97 -0.11 24.11 -8.07
CA ARG A 97 -0.01 25.04 -6.99
C ARG A 97 1.16 24.77 -6.05
N LEU A 98 1.74 23.56 -6.07
CA LEU A 98 2.69 23.19 -5.01
C LEU A 98 4.03 23.90 -5.00
N PRO A 99 4.65 24.12 -6.16
CA PRO A 99 5.95 24.80 -6.06
C PRO A 99 5.91 26.17 -5.34
N VAL A 100 4.89 26.98 -5.60
CA VAL A 100 4.76 28.28 -4.89
C VAL A 100 4.50 28.05 -3.41
N HIS A 101 3.57 27.16 -3.11
CA HIS A 101 3.23 26.82 -1.74
C HIS A 101 4.46 26.28 -1.00
N LEU A 102 5.22 25.42 -1.65
CA LEU A 102 6.41 24.82 -1.04
C LEU A 102 7.62 25.75 -0.95
N SER A 103 7.84 26.56 -1.98
CA SER A 103 8.96 27.51 -1.99
C SER A 103 8.78 28.67 -0.99
N ALA A 104 7.55 28.90 -0.53
CA ALA A 104 7.24 29.87 0.53
C ALA A 104 7.65 29.42 1.94
N LEU A 105 8.13 28.16 2.06
CA LEU A 105 8.61 27.59 3.31
C LEU A 105 10.06 27.98 3.60
N SER A 106 10.35 27.92 4.88
CA SER A 106 11.65 28.25 5.43
C SER A 106 11.97 27.17 6.46
N PRO A 107 13.21 26.67 6.49
CA PRO A 107 14.26 27.07 5.56
C PRO A 107 14.07 26.48 4.15
N PRO A 108 14.99 26.84 3.22
CA PRO A 108 15.16 26.22 1.91
C PRO A 108 14.92 24.72 1.87
N ILE A 109 14.00 24.29 1.03
CA ILE A 109 13.74 22.86 0.88
C ILE A 109 14.79 22.23 -0.04
N SER A 110 15.38 21.13 0.41
CA SER A 110 16.39 20.37 -0.36
C SER A 110 15.77 19.40 -1.37
N ALA A 111 14.59 18.90 -1.07
CA ALA A 111 13.92 17.90 -1.90
C ALA A 111 12.48 17.68 -1.46
N VAL A 112 11.67 17.26 -2.41
CA VAL A 112 10.29 16.91 -2.19
C VAL A 112 10.17 15.40 -2.46
N PHE A 113 9.45 14.71 -1.59
CA PHE A 113 9.08 13.31 -1.75
C PHE A 113 7.56 13.28 -1.87
N SER A 114 7.06 13.01 -3.07
CA SER A 114 5.68 13.31 -3.39
C SER A 114 4.87 12.13 -3.91
N ASP A 115 3.57 12.20 -3.63
CA ASP A 115 2.62 11.32 -4.23
C ASP A 115 2.65 11.43 -5.73
N PHE A 116 2.37 10.32 -6.40
CA PHE A 116 2.36 10.27 -7.86
C PHE A 116 1.36 11.29 -8.46
N LEU A 117 0.28 11.55 -7.75
CA LEU A 117 -0.71 12.54 -8.18
C LEU A 117 -0.18 13.96 -8.38
N PHE A 118 0.92 14.31 -7.72
CA PHE A 118 1.55 15.64 -7.82
C PHE A 118 2.65 15.74 -8.91
N THR A 119 2.86 14.68 -9.69
CA THR A 119 4.01 14.60 -10.57
C THR A 119 4.00 15.72 -11.62
N GLN A 120 2.95 15.77 -12.41
CA GLN A 120 2.86 16.79 -13.46
C GLN A 120 3.00 18.19 -12.88
N GLY A 121 2.27 18.48 -11.81
CA GLY A 121 2.33 19.79 -11.18
C GLY A 121 3.70 20.20 -10.68
N LEU A 122 4.35 19.29 -9.97
CA LEU A 122 5.70 19.56 -9.45
C LEU A 122 6.78 19.61 -10.53
N ASN A 123 6.62 18.83 -11.60
CA ASN A 123 7.70 18.67 -12.57
C ASN A 123 7.62 19.64 -13.74
N THR A 124 6.48 20.27 -13.96
CA THR A 124 6.31 21.21 -15.10
C THR A 124 6.10 22.68 -14.72
N THR A 125 5.91 22.97 -13.43
CA THR A 125 5.63 24.35 -12.96
C THR A 125 6.75 24.94 -12.13
N LEU A 126 7.06 26.21 -12.37
CA LEU A 126 8.18 26.88 -11.67
C LEU A 126 7.76 27.41 -10.31
N PRO A 127 8.67 27.52 -9.35
CA PRO A 127 10.07 27.08 -9.44
C PRO A 127 10.24 25.54 -9.48
N HIS A 128 11.33 25.09 -10.09
CA HIS A 128 11.60 23.67 -10.22
C HIS A 128 12.29 23.19 -8.94
N LEU A 129 11.61 22.35 -8.18
CA LEU A 129 12.16 21.74 -6.98
C LEU A 129 12.61 20.30 -7.27
N PRO A 130 13.68 19.82 -6.59
CA PRO A 130 14.08 18.42 -6.74
C PRO A 130 12.97 17.52 -6.19
N ASN A 131 12.37 16.74 -7.08
CA ASN A 131 11.20 15.94 -6.73
C ASN A 131 11.46 14.45 -6.93
N TYR A 132 11.36 13.70 -5.84
CA TYR A 132 11.34 12.24 -5.87
C TYR A 132 9.88 11.79 -5.78
N THR A 133 9.40 11.07 -6.80
CA THR A 133 8.07 10.51 -6.78
C THR A 133 8.13 9.24 -5.92
N PHE A 134 7.35 9.23 -4.85
CA PHE A 134 7.19 8.08 -3.95
C PHE A 134 5.89 7.36 -4.32
N THR A 135 6.03 6.26 -5.05
CA THR A 135 4.88 5.43 -5.39
C THR A 135 4.54 4.55 -4.17
N THR A 136 3.24 4.29 -3.98
CA THR A 136 2.81 3.46 -2.85
C THR A 136 2.49 2.03 -3.25
N THR A 137 2.73 1.68 -4.51
CA THR A 137 2.46 0.35 -5.03
C THR A 137 3.75 -0.44 -5.25
N SER A 138 3.62 -1.66 -5.76
CA SER A 138 4.76 -2.51 -6.09
C SER A 138 5.57 -1.91 -7.23
N ALA A 139 6.85 -2.25 -7.30
CA ALA A 139 7.63 -1.92 -8.49
C ALA A 139 6.94 -2.48 -9.75
N ARG A 140 6.42 -3.70 -9.64
CA ARG A 140 5.70 -4.37 -10.72
C ARG A 140 4.57 -3.51 -11.27
N PHE A 141 3.67 -3.10 -10.38
CA PHE A 141 2.52 -2.33 -10.82
C PHE A 141 2.94 -0.92 -11.25
N PHE A 142 3.94 -0.35 -10.56
CA PHE A 142 4.48 0.92 -10.99
C PHE A 142 4.97 0.90 -12.45
N THR A 143 5.66 -0.16 -12.86
CA THR A 143 6.12 -0.25 -14.27
C THR A 143 4.93 -0.23 -15.25
N LEU A 144 3.83 -0.88 -14.88
CA LEU A 144 2.62 -0.80 -15.70
C LEU A 144 2.06 0.63 -15.72
N MET A 145 1.99 1.27 -14.57
CA MET A 145 1.55 2.66 -14.47
C MET A 145 2.34 3.59 -15.40
N SER A 146 3.66 3.41 -15.42
CA SER A 146 4.55 4.25 -16.23
CA SER A 146 4.56 4.22 -16.24
C SER A 146 4.29 4.08 -17.74
N TYR A 147 3.72 2.93 -18.11
CA TYR A 147 3.45 2.56 -19.49
C TYR A 147 2.06 2.94 -19.97
N VAL A 148 1.19 3.37 -19.07
CA VAL A 148 -0.19 3.72 -19.40
C VAL A 148 -0.34 4.75 -20.55
N PRO A 149 0.54 5.79 -20.62
CA PRO A 149 0.44 6.71 -21.79
C PRO A 149 0.70 6.03 -23.15
N HIS A 150 1.46 4.93 -23.15
CA HIS A 150 1.71 4.13 -24.35
C HIS A 150 0.67 3.01 -24.59
N LEU A 151 -0.52 3.11 -24.00
CA LEU A 151 -1.59 2.14 -24.23
C LEU A 151 -2.52 2.61 -25.34
N ALA A 152 -2.66 1.78 -26.38
CA ALA A 152 -3.58 2.05 -27.50
C ALA A 152 -5.01 1.62 -27.17
N SER A 155 -4.16 -1.74 -27.57
CA SER A 155 -5.44 -2.45 -27.55
C SER A 155 -5.44 -3.62 -26.56
N SER A 156 -6.63 -3.92 -26.02
CA SER A 156 -6.82 -5.01 -25.06
C SER A 156 -7.00 -6.42 -25.68
N SER A 157 -6.58 -6.60 -26.92
CA SER A 157 -6.64 -7.91 -27.60
C SER A 157 -5.67 -8.91 -27.00
N SER A 158 -4.52 -8.41 -26.55
CA SER A 158 -3.37 -9.25 -26.14
C SER A 158 -2.75 -8.73 -24.84
N PRO A 159 -1.79 -9.48 -24.26
CA PRO A 159 -1.11 -8.93 -23.09
C PRO A 159 -0.25 -7.72 -23.45
N VAL A 160 -0.04 -6.85 -22.46
CA VAL A 160 0.87 -5.73 -22.61
C VAL A 160 2.24 -6.28 -22.28
N GLU A 161 3.16 -6.11 -23.23
CA GLU A 161 4.50 -6.65 -23.14
C GLU A 161 5.48 -5.49 -23.14
N ILE A 162 5.98 -5.15 -21.97
CA ILE A 162 7.03 -4.15 -21.87
C ILE A 162 8.34 -4.91 -22.04
N PRO A 163 9.11 -4.61 -23.13
CA PRO A 163 10.39 -5.30 -23.32
C PRO A 163 11.26 -5.39 -22.07
N GLY A 164 11.67 -6.61 -21.73
CA GLY A 164 12.51 -6.86 -20.58
C GLY A 164 11.76 -7.23 -19.32
N LEU A 165 10.43 -7.09 -19.34
CA LEU A 165 9.60 -7.46 -18.19
C LEU A 165 8.68 -8.58 -18.57
N GLU A 166 8.34 -9.41 -17.59
CA GLU A 166 7.36 -10.44 -17.82
C GLU A 166 6.08 -9.76 -18.27
N PRO A 167 5.43 -10.28 -19.32
CA PRO A 167 4.21 -9.71 -19.87
C PRO A 167 3.13 -9.52 -18.81
N PHE A 168 2.28 -8.50 -19.00
CA PHE A 168 1.14 -8.23 -18.12
C PHE A 168 -0.12 -8.82 -18.78
N PRO A 169 -0.67 -9.90 -18.21
CA PRO A 169 -1.90 -10.45 -18.81
C PRO A 169 -3.04 -9.43 -18.76
N THR A 170 -3.90 -9.42 -19.77
CA THR A 170 -5.03 -8.48 -19.79
C THR A 170 -5.92 -8.63 -18.54
N ASP A 171 -6.02 -9.86 -18.02
CA ASP A 171 -6.80 -10.15 -16.81
C ASP A 171 -6.39 -9.30 -15.59
N ASN A 172 -5.11 -8.95 -15.52
CA ASN A 172 -4.55 -8.23 -14.36
C ASN A 172 -4.43 -6.74 -14.54
N ILE A 173 -4.63 -6.25 -15.76
CA ILE A 173 -4.55 -4.82 -16.04
C ILE A 173 -5.88 -4.22 -15.64
N PRO A 174 -5.87 -3.13 -14.86
CA PRO A 174 -7.15 -2.52 -14.54
C PRO A 174 -7.88 -2.12 -15.84
N PRO A 175 -9.12 -2.57 -16.03
CA PRO A 175 -9.80 -2.23 -17.29
C PRO A 175 -9.88 -0.74 -17.66
N PRO A 176 -9.99 0.18 -16.67
CA PRO A 176 -9.92 1.60 -17.03
C PRO A 176 -8.72 2.04 -17.86
N PHE A 177 -7.55 1.41 -17.65
CA PHE A 177 -6.33 1.78 -18.36
C PHE A 177 -6.40 1.73 -19.88
N PHE A 178 -7.32 0.92 -20.42
CA PHE A 178 -7.57 0.91 -21.88
C PHE A 178 -8.54 1.98 -22.39
N ASN A 179 -9.00 2.85 -21.49
CA ASN A 179 -9.90 3.95 -21.82
C ASN A 179 -9.21 5.27 -21.43
N PRO A 180 -8.61 5.98 -22.40
CA PRO A 180 -7.85 7.20 -22.08
C PRO A 180 -8.63 8.32 -21.39
N GLU A 181 -9.95 8.41 -21.60
CA GLU A 181 -10.77 9.39 -20.86
C GLU A 181 -11.49 8.85 -19.63
N HIS A 182 -11.19 7.63 -19.19
CA HIS A 182 -11.63 7.20 -17.86
C HIS A 182 -10.93 8.13 -16.86
N ILE A 183 -11.66 8.55 -15.82
CA ILE A 183 -11.14 9.52 -14.83
C ILE A 183 -9.79 9.11 -14.24
N PHE A 184 -9.67 7.84 -13.86
CA PHE A 184 -8.44 7.29 -13.28
C PHE A 184 -7.29 7.28 -14.28
N THR A 185 -7.57 6.81 -15.49
CA THR A 185 -6.58 6.77 -16.56
C THR A 185 -6.08 8.17 -16.90
N SER A 186 -6.99 9.14 -16.87
CA SER A 186 -6.64 10.50 -17.29
C SER A 186 -5.55 11.13 -16.42
N PHE A 187 -5.71 11.04 -15.10
CA PHE A 187 -4.66 11.54 -14.19
C PHE A 187 -3.45 10.64 -14.08
N THR A 188 -3.62 9.35 -14.37
CA THR A 188 -2.48 8.43 -14.47
C THR A 188 -1.59 8.84 -15.63
N ILE A 189 -2.19 9.09 -16.78
CA ILE A 189 -1.44 9.54 -17.95
C ILE A 189 -0.73 10.86 -17.71
N SER A 190 -1.51 11.85 -17.26
CA SER A 190 -1.00 13.21 -17.02
C SER A 190 0.25 13.19 -16.16
N ASN A 191 0.20 12.42 -15.08
CA ASN A 191 1.33 12.33 -14.17
C ASN A 191 2.45 11.42 -14.69
N ALA A 192 2.10 10.26 -15.25
CA ALA A 192 3.15 9.30 -15.69
C ALA A 192 4.00 9.85 -16.83
N LYS A 193 3.42 10.75 -17.62
CA LYS A 193 4.15 11.40 -18.71
C LYS A 193 5.33 12.22 -18.22
N TYR A 194 5.33 12.64 -16.95
CA TYR A 194 6.40 13.42 -16.39
C TYR A 194 7.28 12.71 -15.33
N PHE A 195 7.17 11.38 -15.21
CA PHE A 195 8.06 10.64 -14.29
C PHE A 195 9.51 10.83 -14.68
N SER A 196 9.78 10.99 -15.99
CA SER A 196 11.13 11.20 -16.48
C SER A 196 11.83 12.42 -15.88
N LEU A 197 11.08 13.45 -15.48
CA LEU A 197 11.62 14.64 -14.81
C LEU A 197 11.82 14.52 -13.29
N SER A 198 11.34 13.44 -12.68
CA SER A 198 11.61 13.22 -11.26
C SER A 198 13.07 12.82 -11.07
N LYS A 199 13.62 13.10 -9.90
CA LYS A 199 15.01 12.76 -9.61
C LYS A 199 15.16 11.26 -9.39
N GLY A 200 14.07 10.64 -8.94
CA GLY A 200 14.04 9.21 -8.73
C GLY A 200 12.60 8.78 -8.42
N ILE A 201 12.36 7.48 -8.50
CA ILE A 201 11.09 6.90 -8.07
C ILE A 201 11.42 6.13 -6.82
N LEU A 202 10.85 6.51 -5.69
CA LEU A 202 11.01 5.74 -4.45
C LEU A 202 9.87 4.73 -4.38
N VAL A 203 10.21 3.49 -3.98
CA VAL A 203 9.25 2.41 -3.90
C VAL A 203 9.37 1.74 -2.54
N ASN A 204 8.23 1.51 -1.90
CA ASN A 204 8.16 0.79 -0.66
C ASN A 204 8.23 -0.73 -0.97
N THR A 205 9.42 -1.17 -1.34
CA THR A 205 9.70 -2.57 -1.65
C THR A 205 11.16 -2.80 -1.35
N PHE A 206 11.63 -4.02 -1.60
CA PHE A 206 13.05 -4.31 -1.40
C PHE A 206 13.56 -5.21 -2.49
N ASP A 207 14.87 -5.13 -2.69
CA ASP A 207 15.55 -5.75 -3.82
C ASP A 207 15.24 -7.23 -3.97
N SER A 208 15.31 -7.96 -2.87
CA SER A 208 15.10 -9.40 -2.93
C SER A 208 13.62 -9.79 -3.03
N PHE A 209 12.69 -8.84 -2.87
CA PHE A 209 11.26 -9.10 -3.08
C PHE A 209 10.81 -8.99 -4.53
N GLU A 210 11.43 -8.07 -5.29
CA GLU A 210 11.08 -7.83 -6.69
C GLU A 210 12.31 -7.78 -7.57
N PRO A 211 13.15 -8.85 -7.49
CA PRO A 211 14.44 -8.80 -8.15
C PRO A 211 14.40 -8.75 -9.67
N GLU A 212 13.44 -9.42 -10.30
CA GLU A 212 13.35 -9.40 -11.76
C GLU A 212 12.97 -8.04 -12.33
N THR A 213 11.91 -7.45 -11.79
CA THR A 213 11.53 -6.09 -12.18
C THR A 213 12.69 -5.09 -11.98
N LEU A 214 13.25 -5.11 -10.79
CA LEU A 214 14.25 -4.11 -10.44
C LEU A 214 15.55 -4.26 -11.24
N SER A 215 15.95 -5.49 -11.52
CA SER A 215 17.17 -5.74 -12.29
C SER A 215 16.98 -5.25 -13.73
N ALA A 216 15.81 -5.50 -14.30
CA ALA A 216 15.47 -5.00 -15.61
C ALA A 216 15.50 -3.45 -15.67
N LEU A 217 14.92 -2.82 -14.67
CA LEU A 217 14.93 -1.36 -14.56
C LEU A 217 16.34 -0.84 -14.37
N ASN A 218 17.13 -1.54 -13.57
CA ASN A 218 18.47 -1.07 -13.23
C ASN A 218 19.46 -1.21 -14.39
N SER A 219 19.12 -2.08 -15.34
CA SER A 219 19.92 -2.29 -16.54
C SER A 219 19.97 -1.09 -17.49
N GLY A 220 18.95 -0.23 -17.48
CA GLY A 220 18.91 0.94 -18.37
C GLY A 220 18.19 0.70 -19.69
N ASP A 221 17.90 -0.56 -19.99
CA ASP A 221 17.30 -1.01 -21.24
C ASP A 221 15.78 -1.04 -21.25
N THR A 222 15.19 -1.16 -20.07
CA THR A 222 13.76 -1.26 -19.88
C THR A 222 13.21 0.01 -19.28
N LEU A 223 12.19 0.58 -19.93
CA LEU A 223 11.56 1.85 -19.52
C LEU A 223 12.65 2.89 -19.25
N SER A 224 13.49 3.07 -20.26
CA SER A 224 14.71 3.84 -20.13
C SER A 224 14.46 5.31 -19.77
N ASP A 225 13.27 5.84 -20.07
CA ASP A 225 12.94 7.22 -19.72
C ASP A 225 12.72 7.47 -18.23
N LEU A 226 12.45 6.41 -17.45
CA LEU A 226 12.29 6.55 -16.01
C LEU A 226 13.63 6.95 -15.41
N PRO A 227 13.63 7.74 -14.32
CA PRO A 227 14.81 7.98 -13.51
C PRO A 227 15.09 6.74 -12.66
N PRO A 228 16.16 6.77 -11.84
CA PRO A 228 16.44 5.59 -11.02
C PRO A 228 15.26 5.22 -10.16
N VAL A 229 14.98 3.92 -10.12
CA VAL A 229 13.89 3.39 -9.31
C VAL A 229 14.54 2.80 -8.08
N ILE A 230 14.21 3.35 -6.92
CA ILE A 230 14.94 3.14 -5.69
C ILE A 230 14.06 2.49 -4.59
N PRO A 231 14.28 1.19 -4.32
CA PRO A 231 13.55 0.58 -3.20
C PRO A 231 14.02 1.10 -1.86
N ILE A 232 13.08 1.51 -1.02
CA ILE A 232 13.41 2.04 0.30
C ILE A 232 12.65 1.34 1.41
N GLY A 233 12.07 0.17 1.13
CA GLY A 233 11.22 -0.52 2.08
C GLY A 233 11.79 -1.86 2.60
N PRO A 234 11.06 -2.55 3.47
CA PRO A 234 9.73 -2.11 3.94
C PRO A 234 9.87 -1.03 4.99
N LEU A 235 9.19 0.09 4.80
CA LEU A 235 9.26 1.18 5.76
C LEU A 235 8.63 0.66 7.06
N ASN A 236 9.39 0.69 8.15
CA ASN A 236 8.85 0.17 9.41
C ASN A 236 7.88 1.13 10.05
N GLU A 237 6.99 0.56 10.85
CA GLU A 237 5.76 1.23 11.20
C GLU A 237 5.96 2.23 12.34
N LEU A 238 4.99 3.11 12.41
CA LEU A 238 4.73 3.96 13.54
C LEU A 238 4.26 3.27 14.80
N GLU A 239 4.38 4.00 15.90
CA GLU A 239 3.70 3.67 17.14
C GLU A 239 2.52 4.60 17.31
N HIS A 240 1.72 4.33 18.33
CA HIS A 240 0.51 5.10 18.63
C HIS A 240 0.35 5.11 20.15
N ASN A 241 -0.32 6.13 20.67
CA ASN A 241 -0.58 6.23 22.13
C ASN A 241 -1.84 5.48 22.59
N LYS A 242 -2.32 4.56 21.75
CA LYS A 242 -3.35 3.60 22.13
C LYS A 242 -2.96 2.27 21.47
N GLN A 243 -2.45 1.35 22.30
CA GLN A 243 -2.11 -0.01 21.88
C GLN A 243 -3.32 -0.78 21.33
N GLU A 244 -3.05 -1.83 20.56
CA GLU A 244 -4.11 -2.64 20.01
C GLU A 244 -4.88 -3.36 21.13
N GLU A 245 -6.18 -3.15 21.16
CA GLU A 245 -7.09 -3.70 22.18
C GLU A 245 -7.09 -5.22 22.30
N LEU A 246 -6.94 -5.89 21.16
CA LEU A 246 -7.00 -7.35 21.07
C LEU A 246 -5.77 -8.08 21.49
N LEU A 247 -4.69 -7.38 21.82
CA LEU A 247 -3.46 -8.07 22.15
C LEU A 247 -3.59 -9.10 23.27
N PRO A 248 -4.27 -8.75 24.40
CA PRO A 248 -4.39 -9.79 25.43
C PRO A 248 -5.28 -10.98 25.06
N TRP A 249 -6.17 -10.82 24.10
CA TRP A 249 -6.91 -11.95 23.55
C TRP A 249 -5.98 -12.79 22.67
N LEU A 250 -5.22 -12.13 21.79
CA LEU A 250 -4.20 -12.85 21.02
C LEU A 250 -3.21 -13.59 21.91
N ASP A 251 -2.83 -13.00 23.04
CA ASP A 251 -1.90 -13.64 23.99
C ASP A 251 -2.40 -14.97 24.52
N GLN A 252 -3.72 -15.15 24.56
CA GLN A 252 -4.36 -16.39 24.99
C GLN A 252 -4.47 -17.50 23.95
N GLN A 253 -4.17 -17.21 22.66
CA GLN A 253 -4.36 -18.18 21.60
C GLN A 253 -3.05 -18.90 21.34
N PRO A 254 -3.10 -20.15 20.83
CA PRO A 254 -1.85 -20.85 20.50
C PRO A 254 -1.08 -20.16 19.37
N GLU A 255 0.22 -20.40 19.32
CA GLU A 255 1.09 -19.85 18.28
C GLU A 255 0.53 -20.18 16.89
N LYS A 256 0.57 -19.18 16.02
CA LYS A 256 0.24 -19.33 14.61
C LYS A 256 -1.15 -19.91 14.35
N SER A 257 -2.08 -19.67 15.27
CA SER A 257 -3.42 -20.25 15.20
C SER A 257 -4.50 -19.31 14.69
N VAL A 258 -4.21 -18.01 14.58
CA VAL A 258 -5.23 -17.01 14.28
C VAL A 258 -5.02 -16.50 12.85
N LEU A 259 -6.09 -16.48 12.09
CA LEU A 259 -6.12 -15.93 10.74
C LEU A 259 -6.57 -14.48 10.81
N TYR A 260 -5.73 -13.55 10.31
CA TYR A 260 -6.10 -12.15 10.21
C TYR A 260 -6.70 -11.95 8.84
N VAL A 261 -7.89 -11.31 8.79
CA VAL A 261 -8.66 -11.12 7.56
C VAL A 261 -8.94 -9.64 7.38
N SER A 262 -8.53 -9.10 6.24
CA SER A 262 -8.76 -7.68 5.94
C SER A 262 -8.71 -7.47 4.43
N PHE A 263 -9.74 -6.78 3.95
CA PHE A 263 -9.83 -6.33 2.57
C PHE A 263 -9.70 -4.79 2.49
N GLY A 264 -8.97 -4.23 3.45
CA GLY A 264 -8.57 -2.85 3.39
C GLY A 264 -9.64 -1.91 3.92
N ASN A 265 -9.38 -0.62 3.74
CA ASN A 265 -10.18 0.45 4.39
C ASN A 265 -11.54 0.67 3.77
N ARG A 266 -11.61 0.60 2.43
CA ARG A 266 -12.86 0.88 1.74
C ARG A 266 -13.78 -0.33 1.62
N THR A 267 -15.06 -0.02 1.38
CA THR A 267 -16.13 -1.02 1.26
C THR A 267 -15.91 -1.94 0.04
N ALA A 268 -15.51 -3.17 0.34
CA ALA A 268 -14.90 -4.07 -0.65
C ALA A 268 -15.89 -5.09 -1.24
N MET A 269 -16.65 -5.73 -0.37
CA MET A 269 -17.46 -6.87 -0.73
C MET A 269 -18.94 -6.59 -0.51
N SER A 270 -19.75 -7.25 -1.34
CA SER A 270 -21.20 -7.20 -1.23
C SER A 270 -21.68 -7.96 0.01
N SER A 271 -22.94 -7.75 0.39
CA SER A 271 -23.54 -8.50 1.50
C SER A 271 -23.50 -10.01 1.28
N ASP A 272 -23.79 -10.45 0.05
CA ASP A 272 -23.68 -11.86 -0.29
C ASP A 272 -22.25 -12.40 -0.09
N GLN A 273 -21.25 -11.65 -0.54
CA GLN A 273 -19.85 -12.05 -0.34
C GLN A 273 -19.43 -12.11 1.14
N ILE A 274 -19.88 -11.14 1.93
CA ILE A 274 -19.57 -11.12 3.37
C ILE A 274 -20.19 -12.35 4.04
N LEU A 275 -21.44 -12.66 3.69
CA LEU A 275 -22.12 -13.81 4.23
C LEU A 275 -21.38 -15.07 3.91
N GLU A 276 -20.96 -15.20 2.65
CA GLU A 276 -20.27 -16.41 2.24
C GLU A 276 -18.94 -16.57 2.97
N LEU A 277 -18.22 -15.48 3.11
CA LEU A 277 -16.95 -15.51 3.84
C LEU A 277 -17.20 -15.91 5.29
N GLY A 278 -18.19 -15.31 5.92
CA GLY A 278 -18.68 -15.75 7.23
C GLY A 278 -18.92 -17.23 7.37
N MET A 279 -19.66 -17.79 6.41
CA MET A 279 -19.97 -19.22 6.43
C MET A 279 -18.72 -20.07 6.28
N GLY A 280 -17.83 -19.65 5.38
CA GLY A 280 -16.55 -20.35 5.18
C GLY A 280 -15.69 -20.33 6.45
N LEU A 281 -15.53 -19.14 7.02
CA LEU A 281 -14.77 -19.00 8.28
C LEU A 281 -15.37 -19.86 9.39
N GLU A 282 -16.69 -19.86 9.51
CA GLU A 282 -17.40 -20.75 10.45
C GLU A 282 -17.02 -22.23 10.24
N ARG A 283 -17.21 -22.71 9.02
CA ARG A 283 -16.85 -24.08 8.67
C ARG A 283 -15.39 -24.45 8.87
N SER A 284 -14.49 -23.49 8.68
CA SER A 284 -13.06 -23.73 8.93
C SER A 284 -12.74 -24.01 10.40
N ASP A 285 -13.55 -23.49 11.32
CA ASP A 285 -13.27 -23.52 12.75
C ASP A 285 -11.95 -22.83 13.15
N CYS A 286 -11.39 -22.01 12.25
CA CYS A 286 -10.23 -21.20 12.56
C CYS A 286 -10.55 -20.09 13.52
N ARG A 287 -9.65 -19.81 14.46
CA ARG A 287 -9.69 -18.54 15.17
C ARG A 287 -9.33 -17.43 14.16
N PHE A 288 -9.90 -16.25 14.34
CA PHE A 288 -9.70 -15.18 13.37
C PHE A 288 -9.92 -13.80 13.99
N ILE A 289 -9.38 -12.81 13.32
CA ILE A 289 -9.69 -11.40 13.54
C ILE A 289 -10.01 -10.87 12.16
N TRP A 290 -11.22 -10.36 11.99
CA TRP A 290 -11.72 -9.97 10.69
C TRP A 290 -12.22 -8.53 10.77
N VAL A 291 -11.51 -7.65 10.06
CA VAL A 291 -11.92 -6.26 9.85
C VAL A 291 -13.04 -6.26 8.80
N VAL A 292 -14.27 -6.11 9.24
CA VAL A 292 -15.44 -6.20 8.34
C VAL A 292 -15.88 -4.77 8.00
N LYS A 293 -16.09 -4.52 6.71
CA LYS A 293 -16.52 -3.20 6.20
C LYS A 293 -17.66 -3.38 5.19
N LYS A 302 -22.45 -3.16 16.22
CA LYS A 302 -22.36 -4.45 15.52
C LYS A 302 -23.72 -5.06 15.14
N SER A 303 -24.72 -4.22 14.86
CA SER A 303 -26.08 -4.69 14.58
C SER A 303 -26.20 -5.19 13.13
N GLU A 304 -25.59 -4.46 12.20
CA GLU A 304 -25.60 -4.84 10.75
C GLU A 304 -25.25 -6.32 10.56
N LEU A 305 -24.20 -6.75 11.26
CA LEU A 305 -23.60 -8.06 11.06
C LEU A 305 -24.46 -9.20 11.59
N ARG A 306 -25.10 -8.97 12.74
CA ARG A 306 -25.94 -9.98 13.36
C ARG A 306 -27.02 -10.49 12.39
N LYS A 307 -27.73 -9.57 11.75
CA LYS A 307 -28.82 -9.95 10.83
C LYS A 307 -28.34 -10.15 9.38
N LEU A 308 -27.13 -9.69 9.07
CA LEU A 308 -26.44 -10.05 7.83
C LEU A 308 -26.10 -11.55 7.86
N PHE A 309 -25.40 -11.98 8.90
CA PHE A 309 -25.07 -13.40 9.08
C PHE A 309 -26.24 -14.26 9.56
N GLY A 310 -27.18 -13.63 10.26
CA GLY A 310 -28.19 -14.37 11.04
C GLY A 310 -27.60 -14.67 12.41
N GLU A 311 -28.48 -14.93 13.38
CA GLU A 311 -28.05 -15.03 14.78
C GLU A 311 -27.18 -16.27 15.04
N GLU A 312 -27.56 -17.40 14.43
CA GLU A 312 -26.82 -18.66 14.62
C GLU A 312 -25.34 -18.53 14.19
N LEU A 313 -25.15 -18.10 12.94
CA LEU A 313 -23.81 -17.91 12.36
C LEU A 313 -23.00 -16.81 13.05
N TYR A 314 -23.63 -15.67 13.29
CA TYR A 314 -22.99 -14.57 14.02
C TYR A 314 -22.44 -15.05 15.38
N LEU A 315 -23.23 -15.84 16.12
CA LEU A 315 -22.78 -16.36 17.41
C LEU A 315 -21.59 -17.31 17.24
N LYS A 316 -21.70 -18.24 16.29
CA LYS A 316 -20.63 -19.21 16.02
C LYS A 316 -19.32 -18.51 15.63
N LEU A 317 -19.43 -17.45 14.83
CA LEU A 317 -18.24 -16.64 14.44
C LEU A 317 -17.65 -15.94 15.65
N SER A 318 -18.50 -15.30 16.44
CA SER A 318 -18.06 -14.67 17.71
C SER A 318 -17.38 -15.62 18.70
N GLU A 319 -17.74 -16.89 18.67
CA GLU A 319 -17.15 -17.86 19.58
C GLU A 319 -15.72 -18.22 19.21
N LYS A 320 -15.37 -18.06 17.95
CA LYS A 320 -14.03 -18.37 17.45
C LYS A 320 -13.17 -17.15 17.14
N GLY A 321 -13.79 -16.03 16.80
CA GLY A 321 -13.00 -14.86 16.39
C GLY A 321 -13.53 -13.51 16.80
N LYS A 322 -12.89 -12.48 16.23
CA LYS A 322 -13.23 -11.11 16.55
C LYS A 322 -13.67 -10.45 15.26
N LEU A 323 -14.87 -9.85 15.29
CA LEU A 323 -15.43 -9.12 14.16
C LEU A 323 -15.29 -7.67 14.54
N VAL A 324 -14.39 -6.98 13.86
CA VAL A 324 -14.01 -5.63 14.22
C VAL A 324 -14.10 -4.68 13.03
N LYS A 325 -14.14 -3.40 13.36
CA LYS A 325 -14.18 -2.32 12.38
C LYS A 325 -12.80 -1.74 12.12
N TRP A 326 -11.89 -1.92 13.08
CA TRP A 326 -10.57 -1.31 13.00
C TRP A 326 -9.59 -2.04 13.91
N VAL A 327 -8.36 -2.17 13.46
CA VAL A 327 -7.27 -2.68 14.29
C VAL A 327 -6.01 -1.91 14.01
N ASN A 328 -5.05 -2.03 14.90
CA ASN A 328 -3.68 -1.61 14.63
C ASN A 328 -3.02 -2.78 13.89
N GLN A 329 -3.07 -2.73 12.56
CA GLN A 329 -2.73 -3.88 11.71
C GLN A 329 -1.32 -4.41 11.95
N THR A 330 -0.34 -3.51 12.02
CA THR A 330 1.02 -3.94 12.29
C THR A 330 1.20 -4.67 13.61
N GLU A 331 0.46 -4.28 14.65
CA GLU A 331 0.50 -4.99 15.91
C GLU A 331 -0.11 -6.37 15.84
N ILE A 332 -1.17 -6.52 15.04
CA ILE A 332 -1.79 -7.82 14.80
C ILE A 332 -0.80 -8.71 14.04
N LEU A 333 -0.30 -8.21 12.92
CA LEU A 333 0.63 -9.01 12.11
C LEU A 333 1.93 -9.40 12.82
N GLY A 334 2.35 -8.59 13.78
CA GLY A 334 3.55 -8.87 14.54
C GLY A 334 3.32 -9.85 15.67
N HIS A 335 2.07 -10.20 15.97
CA HIS A 335 1.76 -11.10 17.07
C HIS A 335 2.03 -12.55 16.71
N THR A 336 2.70 -13.28 17.62
CA THR A 336 3.03 -14.71 17.41
C THR A 336 1.85 -15.68 17.22
N ALA A 337 0.68 -15.34 17.75
CA ALA A 337 -0.57 -16.06 17.51
C ALA A 337 -1.08 -16.01 16.09
N VAL A 338 -0.70 -15.00 15.31
CA VAL A 338 -1.21 -14.89 13.95
C VAL A 338 -0.41 -15.79 13.03
N GLY A 339 -1.12 -16.69 12.35
CA GLY A 339 -0.50 -17.68 11.47
C GLY A 339 -0.66 -17.43 9.99
N GLY A 340 -1.54 -16.51 9.62
CA GLY A 340 -1.82 -16.26 8.19
C GLY A 340 -2.60 -14.97 8.01
N PHE A 341 -2.67 -14.50 6.78
CA PHE A 341 -3.30 -13.21 6.49
C PHE A 341 -4.09 -13.36 5.21
N LEU A 342 -5.43 -13.30 5.29
CA LEU A 342 -6.30 -13.29 4.12
C LEU A 342 -6.45 -11.82 3.72
N SER A 343 -5.90 -11.47 2.56
CA SER A 343 -5.73 -10.07 2.18
C SER A 343 -6.10 -9.82 0.72
N HIS A 344 -6.67 -8.65 0.46
CA HIS A 344 -6.84 -8.11 -0.90
C HIS A 344 -5.50 -7.71 -1.58
N CYS A 345 -4.38 -7.69 -0.84
CA CYS A 345 -3.06 -7.35 -1.37
C CYS A 345 -2.91 -5.90 -1.83
N GLY A 346 -3.55 -4.97 -1.11
CA GLY A 346 -3.11 -3.60 -1.12
C GLY A 346 -1.63 -3.61 -0.72
N TRP A 347 -0.84 -2.79 -1.38
CA TRP A 347 0.61 -2.90 -1.22
C TRP A 347 1.15 -2.66 0.20
N ASN A 348 0.57 -1.73 0.93
CA ASN A 348 0.99 -1.50 2.32
C ASN A 348 0.81 -2.74 3.16
N SER A 349 -0.33 -3.40 2.98
CA SER A 349 -0.61 -4.66 3.66
C SER A 349 0.38 -5.74 3.27
N VAL A 350 0.72 -5.83 1.99
CA VAL A 350 1.74 -6.81 1.54
C VAL A 350 3.08 -6.58 2.24
N MET A 351 3.52 -5.32 2.28
CA MET A 351 4.80 -4.98 2.89
C MET A 351 4.81 -5.19 4.42
N GLU A 352 3.68 -4.93 5.07
CA GLU A 352 3.57 -5.12 6.51
C GLU A 352 3.66 -6.61 6.83
N ALA A 353 3.01 -7.43 6.01
CA ALA A 353 3.08 -8.87 6.12
C ALA A 353 4.46 -9.42 5.78
N ALA A 354 5.07 -8.88 4.73
CA ALA A 354 6.47 -9.28 4.33
C ALA A 354 7.42 -9.08 5.50
N ARG A 355 7.34 -7.91 6.11
CA ARG A 355 8.23 -7.58 7.24
C ARG A 355 8.14 -8.57 8.42
N ARG A 356 6.93 -9.05 8.68
N ARG A 356 6.94 -9.06 8.69
CA ARG A 356 6.67 -9.99 9.78
CA ARG A 356 6.69 -10.01 9.79
C ARG A 356 6.64 -11.46 9.35
C ARG A 356 6.68 -11.47 9.35
N GLY A 357 6.84 -11.73 8.05
CA GLY A 357 6.93 -13.10 7.54
C GLY A 357 5.64 -13.89 7.64
N VAL A 358 4.52 -13.19 7.48
CA VAL A 358 3.19 -13.79 7.66
C VAL A 358 2.68 -14.24 6.30
N PRO A 359 2.39 -15.55 6.15
CA PRO A 359 1.91 -16.08 4.86
C PRO A 359 0.58 -15.45 4.48
N ILE A 360 0.43 -15.12 3.21
CA ILE A 360 -0.75 -14.46 2.69
C ILE A 360 -1.58 -15.41 1.84
N LEU A 361 -2.87 -15.44 2.11
CA LEU A 361 -3.86 -15.94 1.17
C LEU A 361 -4.39 -14.73 0.41
N ALA A 362 -4.06 -14.65 -0.87
CA ALA A 362 -4.32 -13.43 -1.66
C ALA A 362 -5.63 -13.56 -2.40
N TRP A 363 -6.57 -12.65 -2.10
CA TRP A 363 -7.86 -12.56 -2.81
C TRP A 363 -7.98 -11.11 -3.36
N PRO A 364 -7.24 -10.78 -4.43
CA PRO A 364 -7.28 -9.43 -4.97
C PRO A 364 -8.60 -9.11 -5.65
N GLN A 365 -8.95 -7.84 -5.63
CA GLN A 365 -10.22 -7.38 -6.22
C GLN A 365 -10.14 -6.41 -7.40
N HIS A 366 -9.26 -5.41 -7.30
CA HIS A 366 -9.18 -4.37 -8.33
C HIS A 366 -7.91 -3.56 -8.22
N GLY A 367 -7.70 -2.71 -9.22
CA GLY A 367 -6.58 -1.80 -9.25
C GLY A 367 -5.27 -2.56 -9.31
N ASP A 368 -4.34 -2.22 -8.42
CA ASP A 368 -3.03 -2.90 -8.39
C ASP A 368 -3.04 -4.30 -7.75
N GLN A 369 -4.17 -4.73 -7.20
CA GLN A 369 -4.21 -5.88 -6.31
C GLN A 369 -3.83 -7.18 -6.99
N ARG A 370 -4.29 -7.43 -8.23
CA ARG A 370 -3.96 -8.66 -8.91
C ARG A 370 -2.46 -8.77 -9.21
N GLU A 371 -1.86 -7.72 -9.76
CA GLU A 371 -0.40 -7.73 -9.94
C GLU A 371 0.35 -7.85 -8.59
N ASN A 372 -0.17 -7.21 -7.56
CA ASN A 372 0.46 -7.34 -6.22
C ASN A 372 0.40 -8.78 -5.72
N ALA A 373 -0.74 -9.42 -5.92
CA ALA A 373 -0.95 -10.81 -5.59
C ALA A 373 0.01 -11.73 -6.35
N TRP A 374 0.22 -11.43 -7.63
CA TRP A 374 1.23 -12.12 -8.44
C TRP A 374 2.62 -11.99 -7.82
N VAL A 375 2.99 -10.78 -7.42
CA VAL A 375 4.30 -10.56 -6.78
C VAL A 375 4.40 -11.34 -5.47
N VAL A 376 3.33 -11.30 -4.67
CA VAL A 376 3.27 -12.09 -3.43
C VAL A 376 3.56 -13.59 -3.69
N GLU A 377 2.92 -14.15 -4.70
CA GLU A 377 3.14 -15.56 -5.03
C GLU A 377 4.53 -15.81 -5.58
N LYS A 378 4.99 -14.93 -6.46
CA LYS A 378 6.35 -15.04 -7.03
C LYS A 378 7.44 -14.97 -5.96
N ALA A 379 7.20 -14.16 -4.92
CA ALA A 379 8.17 -13.97 -3.85
C ALA A 379 8.15 -15.08 -2.79
N GLY A 380 7.16 -15.97 -2.85
CA GLY A 380 6.98 -17.00 -1.84
C GLY A 380 6.40 -16.50 -0.52
N LEU A 381 5.78 -15.33 -0.53
CA LEU A 381 5.14 -14.81 0.65
C LEU A 381 3.72 -15.39 0.80
N GLY A 382 3.14 -15.88 -0.27
CA GLY A 382 1.77 -16.40 -0.18
C GLY A 382 1.32 -17.03 -1.46
N VAL A 383 0.02 -17.27 -1.54
CA VAL A 383 -0.57 -17.92 -2.71
C VAL A 383 -1.82 -17.16 -3.11
N TRP A 384 -1.98 -17.02 -4.42
CA TRP A 384 -3.07 -16.27 -5.00
C TRP A 384 -4.10 -17.22 -5.53
N GLU A 385 -5.29 -17.14 -4.94
CA GLU A 385 -6.43 -17.94 -5.33
C GLU A 385 -7.13 -17.15 -6.42
N ARG A 386 -6.86 -17.48 -7.69
CA ARG A 386 -7.31 -16.56 -8.78
C ARG A 386 -8.82 -16.38 -8.86
N GLU A 387 -9.55 -17.46 -8.67
CA GLU A 387 -11.03 -17.39 -8.81
C GLU A 387 -11.72 -17.59 -7.46
N TRP A 388 -11.14 -16.97 -6.42
CA TRP A 388 -11.75 -16.98 -5.08
C TRP A 388 -13.20 -16.53 -5.08
N ALA A 389 -13.47 -15.46 -5.83
CA ALA A 389 -14.78 -14.82 -5.85
C ALA A 389 -15.86 -15.65 -6.56
N SER A 390 -15.50 -16.75 -7.22
CA SER A 390 -16.49 -17.67 -7.79
C SER A 390 -17.02 -18.69 -6.75
N GLY A 391 -16.38 -18.79 -5.59
CA GLY A 391 -16.86 -19.69 -4.54
C GLY A 391 -16.14 -19.37 -3.24
N ILE A 392 -16.59 -18.32 -2.59
CA ILE A 392 -15.88 -17.77 -1.43
C ILE A 392 -15.83 -18.79 -0.30
N GLN A 393 -16.99 -19.37 0.02
CA GLN A 393 -17.09 -20.32 1.12
C GLN A 393 -16.15 -21.50 0.88
N ALA A 394 -16.17 -22.06 -0.32
CA ALA A 394 -15.28 -23.18 -0.68
C ALA A 394 -13.80 -22.79 -0.76
N ALA A 395 -13.53 -21.56 -1.20
CA ALA A 395 -12.15 -21.11 -1.37
C ALA A 395 -11.46 -21.01 -0.01
N ILE A 396 -12.14 -20.47 0.98
CA ILE A 396 -11.54 -20.37 2.33
C ILE A 396 -11.45 -21.74 3.01
N VAL A 397 -12.51 -22.54 2.92
CA VAL A 397 -12.51 -23.89 3.52
C VAL A 397 -11.37 -24.74 2.96
N GLU A 398 -11.10 -24.62 1.67
CA GLU A 398 -10.02 -25.42 1.03
C GLU A 398 -8.61 -24.95 1.35
N LYS A 399 -8.37 -23.64 1.25
CA LYS A 399 -6.99 -23.10 1.27
C LYS A 399 -6.48 -22.70 2.64
N VAL A 400 -7.37 -22.37 3.58
CA VAL A 400 -6.93 -21.78 4.85
C VAL A 400 -5.94 -22.67 5.60
N LYS A 401 -6.18 -23.98 5.54
CA LYS A 401 -5.36 -24.95 6.26
C LYS A 401 -3.93 -25.03 5.73
N MET A 402 -3.79 -24.92 4.41
CA MET A 402 -2.48 -24.82 3.79
C MET A 402 -1.78 -23.50 4.18
N ILE A 403 -2.53 -22.41 4.24
CA ILE A 403 -1.97 -21.12 4.65
C ILE A 403 -1.55 -21.15 6.12
N MET A 404 -2.39 -21.78 6.94
CA MET A 404 -2.21 -21.82 8.38
C MET A 404 -1.32 -22.99 8.86
N GLY A 405 -0.89 -23.85 7.93
CA GLY A 405 -0.09 -25.02 8.26
C GLY A 405 1.37 -24.74 8.54
N ASN A 406 2.02 -25.70 9.18
CA ASN A 406 3.45 -25.66 9.38
C ASN A 406 4.10 -26.40 8.21
N ASN A 407 4.34 -25.66 7.11
CA ASN A 407 4.64 -26.22 5.79
C ASN A 407 5.70 -25.44 5.00
N ASP A 408 5.90 -25.79 3.73
CA ASP A 408 6.84 -25.09 2.82
C ASP A 408 6.54 -23.57 2.72
N LEU A 409 5.26 -23.23 2.62
CA LEU A 409 4.87 -21.80 2.46
C LEU A 409 5.22 -20.99 3.72
N ARG A 410 4.95 -21.55 4.89
CA ARG A 410 5.29 -20.88 6.14
C ARG A 410 6.78 -20.57 6.17
N LYS A 411 7.60 -21.55 5.79
CA LYS A 411 9.04 -21.36 5.75
C LYS A 411 9.46 -20.32 4.71
N SER A 412 8.83 -20.31 3.54
CA SER A 412 9.20 -19.35 2.49
CA SER A 412 9.14 -19.35 2.46
C SER A 412 8.82 -17.95 2.94
N ALA A 413 7.65 -17.82 3.57
CA ALA A 413 7.19 -16.57 4.18
C ALA A 413 8.13 -16.09 5.27
N MET A 414 8.55 -17.00 6.15
CA MET A 414 9.54 -16.70 7.16
C MET A 414 10.86 -16.14 6.59
N LYS A 415 11.35 -16.73 5.51
CA LYS A 415 12.56 -16.22 4.85
C LYS A 415 12.39 -14.82 4.26
N VAL A 416 11.22 -14.55 3.66
CA VAL A 416 10.87 -13.19 3.21
C VAL A 416 10.99 -12.18 4.36
N GLY A 417 10.44 -12.52 5.52
CA GLY A 417 10.57 -11.69 6.72
C GLY A 417 12.01 -11.40 7.13
N GLU A 418 12.86 -12.41 7.03
CA GLU A 418 14.28 -12.24 7.37
C GLU A 418 14.97 -11.29 6.38
N GLU A 419 14.67 -11.46 5.10
CA GLU A 419 15.18 -10.61 4.02
C GLU A 419 14.64 -9.18 4.12
N ALA A 420 13.37 -9.05 4.48
CA ALA A 420 12.74 -7.74 4.66
C ALA A 420 13.37 -6.95 5.81
N LYS A 421 13.62 -7.64 6.91
CA LYS A 421 14.30 -7.01 8.05
C LYS A 421 15.75 -6.65 7.69
N ARG A 422 16.43 -7.55 6.99
CA ARG A 422 17.81 -7.33 6.51
C ARG A 422 17.90 -6.07 5.61
N ALA A 423 16.88 -5.87 4.78
CA ALA A 423 16.87 -4.76 3.83
C ALA A 423 16.85 -3.38 4.49
N CYS A 424 16.13 -3.24 5.59
CA CYS A 424 16.05 -1.94 6.28
C CYS A 424 16.91 -1.81 7.54
N ASP A 425 17.58 -2.89 7.94
CA ASP A 425 18.68 -2.83 8.90
C ASP A 425 19.88 -2.10 8.31
N VAL A 426 20.65 -1.47 9.20
CA VAL A 426 21.90 -0.80 8.84
C VAL A 426 22.73 -1.70 7.92
N GLY A 427 23.13 -1.15 6.78
CA GLY A 427 23.86 -1.90 5.76
C GLY A 427 23.01 -2.59 4.72
N GLY A 428 21.69 -2.68 4.96
CA GLY A 428 20.78 -3.37 4.06
C GLY A 428 20.55 -2.65 2.77
N SER A 429 19.98 -3.36 1.80
CA SER A 429 19.80 -2.85 0.45
C SER A 429 18.96 -1.57 0.42
N SER A 430 17.91 -1.52 1.23
CA SER A 430 17.00 -0.37 1.28
C SER A 430 17.55 0.76 2.16
N ALA A 431 18.16 0.39 3.28
CA ALA A 431 18.72 1.38 4.21
C ALA A 431 19.82 2.18 3.53
N THR A 432 20.68 1.46 2.85
CA THR A 432 21.78 2.03 2.04
C THR A 432 21.23 2.93 0.95
N ALA A 433 20.20 2.47 0.26
CA ALA A 433 19.58 3.27 -0.80
C ALA A 433 19.10 4.60 -0.28
N LEU A 434 18.36 4.56 0.82
CA LEU A 434 17.78 5.76 1.40
C LEU A 434 18.88 6.69 1.95
N MET A 435 19.87 6.11 2.63
CA MET A 435 21.00 6.90 3.13
C MET A 435 21.72 7.64 2.00
N ASN A 436 21.88 6.99 0.84
CA ASN A 436 22.53 7.61 -0.32
C ASN A 436 21.73 8.79 -0.87
N ILE A 437 20.42 8.63 -0.94
CA ILE A 437 19.56 9.75 -1.30
C ILE A 437 19.77 10.91 -0.35
N ILE A 438 19.65 10.65 0.94
CA ILE A 438 19.69 11.71 1.93
C ILE A 438 21.08 12.36 1.98
N GLY A 439 22.12 11.56 1.85
CA GLY A 439 23.51 12.07 1.85
C GLY A 439 23.83 12.96 0.67
N SER A 440 23.15 12.74 -0.45
CA SER A 440 23.32 13.56 -1.64
C SER A 440 22.65 14.92 -1.53
N LEU A 441 21.75 15.08 -0.55
CA LEU A 441 20.92 16.27 -0.48
C LEU A 441 21.68 17.53 -0.13
N LYS A 442 21.15 18.63 -0.66
CA LYS A 442 21.56 20.01 -0.42
C LYS A 442 21.61 20.45 1.06
C ACT B . 10.07 -9.97 -9.39
O ACT B . 10.21 -8.86 -9.93
OXT ACT B . 11.05 -10.74 -9.27
CH3 ACT B . 8.74 -10.41 -8.87
BR BUP C . -8.54 -2.17 7.21
C1 BUP C . -7.17 -1.57 8.25
N1 BUP C . -6.09 -1.15 10.34
O1 BUP C . -8.11 -2.07 10.30
P1 BUP C . -3.57 -0.99 1.98
C2 BUP C . -6.06 -1.03 7.60
N2 BUP C . -4.96 -0.55 8.35
O2 BUP C . -4.04 -0.22 10.40
P2 BUP C . -6.06 -0.28 0.85
C3 BUP C . -4.97 -0.61 9.69
O3 BUP C . -4.30 0.75 6.44
P3 BUP C . -4.57 0.73 -1.19
C4 BUP C . -7.18 -1.62 9.64
O4 BUP C . -1.98 -1.35 8.00
C5 BUP C . -2.27 -0.29 5.86
O5 BUP C . -1.07 0.36 6.27
C6 BUP C . -2.93 -1.01 7.04
O6 BUP C . -3.94 -0.25 3.43
C7 BUP C . -3.82 0.04 7.62
O7 BUP C . -5.03 -1.37 1.41
C8 BUP C . -3.19 0.87 5.52
O8 BUP C . -3.13 -2.43 2.35
C9 BUP C . -3.42 0.95 3.99
O9 BUP C . -2.57 -0.53 0.96
O10 BUP C . -5.13 0.86 0.28
O11 BUP C . -6.90 0.34 2.00
O12 BUP C . -6.90 -0.88 -0.24
O13 BUP C . -2.96 0.65 -1.26
O14 BUP C . -5.22 -0.17 -2.13
O15 BUP C . -4.73 2.27 -1.66
#